data_1YPL
#
_entry.id   1YPL
#
_cell.length_a   70.131
_cell.length_b   71.630
_cell.length_c   72.198
_cell.angle_alpha   90.00
_cell.angle_beta   100.45
_cell.angle_gamma   90.00
#
_symmetry.space_group_name_H-M   'C 1 2 1'
#
loop_
_entity.id
_entity.type
_entity.pdbx_description
1 polymer 'thrombin light chain'
2 polymer 'Thrombin heavy chain'
3 polymer Hirudin
4 non-polymer 'SODIUM ION'
5 non-polymer N-(BENZYLSULFONYL)-L-LEUCYL-N-(4-{[AMINO(IMINO)METHYL]AMINO}BUTYL)-L-PROLINAMIDE
6 non-polymer GLYCEROL
7 water water
#
loop_
_entity_poly.entity_id
_entity_poly.type
_entity_poly.pdbx_seq_one_letter_code
_entity_poly.pdbx_strand_id
1 'polypeptide(L)' ADCGLRPLFEKKSLEDKTERELLESYI L
2 'polypeptide(L)'
;IVEGSDAEIGMSPWQVMLFRKSPQELLCGASLISDRWVLTAAHCLLYPPWDKNFTENDLLVRIGKHSRTRYERNIEKISM
LEKIYIHPRYNWRENLDRDIALMKLKKPVAFSDYIHPVCLPDRETAASLLQAGYKGRVTGWGNLKETWTANVGKGQPSVL
QVVNLPIVERPVCKDSTRIRITDNMFCAGYKPDEGKRGDACEGDSGGPFVMKSPFNNRWYQMGIVSWGEGCDRDGKYGFY
THVFRLKKWIQKVIDQF
;
H
3 'polypeptide(L)' DFEEIPEE(TYS)L I
#
loop_
_chem_comp.id
_chem_comp.type
_chem_comp.name
_chem_comp.formula
GOL non-polymer GLYCEROL 'C3 H8 O3'
NA non-polymer 'SODIUM ION' 'Na 1'
RA8 peptide-like N-(BENZYLSULFONYL)-L-LEUCYL-N-(4-{[AMINO(IMINO)METHYL]AMINO}BUTYL)-L-PROLINAMIDE 'C23 H38 N6 O4 S'
#
# COMPACT_ATOMS: atom_id res chain seq x y z
N ALA A 1 -1.92 3.21 19.38
CA ALA A 1 -1.48 4.32 20.22
C ALA A 1 -0.22 4.95 19.67
N ASP A 2 0.78 4.17 19.28
CA ASP A 2 1.95 4.75 18.63
C ASP A 2 1.96 4.58 17.12
N CYS A 3 0.86 4.08 16.59
CA CYS A 3 0.73 3.87 15.15
C CYS A 3 1.14 5.12 14.39
N GLY A 4 1.75 4.93 13.24
CA GLY A 4 1.86 6.05 12.32
C GLY A 4 2.89 7.06 12.76
N LEU A 5 3.62 6.78 13.83
CA LEU A 5 4.76 7.62 14.20
C LEU A 5 6.06 6.87 13.90
N ARG A 6 6.86 7.36 13.00
CA ARG A 6 8.03 6.64 12.51
C ARG A 6 9.22 6.84 13.44
N PRO A 7 9.83 5.75 13.87
CA PRO A 7 11.04 5.81 14.69
C PRO A 7 12.12 6.70 14.10
N LEU A 8 12.35 6.67 12.79
CA LEU A 8 13.47 7.48 12.28
C LEU A 8 13.05 8.86 11.82
N PHE A 9 11.76 9.20 11.96
CA PHE A 9 11.38 10.58 11.60
C PHE A 9 10.57 11.22 12.73
N GLU A 10 9.26 11.01 12.83
CA GLU A 10 8.47 11.65 13.86
C GLU A 10 9.00 11.46 15.27
N LYS A 11 9.47 10.24 15.57
CA LYS A 11 9.84 10.00 16.97
C LYS A 11 11.12 10.74 17.34
N LYS A 12 11.93 11.13 16.37
CA LYS A 12 13.16 11.89 16.55
C LYS A 12 12.98 13.36 16.14
N SER A 13 11.77 13.72 15.75
CA SER A 13 11.47 15.04 15.19
C SER A 13 12.31 15.31 13.96
N LEU A 14 12.48 14.29 13.10
CA LEU A 14 13.06 14.53 11.80
C LEU A 14 12.00 14.46 10.71
N GLU A 15 12.17 15.25 9.65
CA GLU A 15 11.27 15.26 8.52
C GLU A 15 11.90 14.57 7.32
N ASP A 16 11.08 13.85 6.55
CA ASP A 16 11.61 13.30 5.31
C ASP A 16 11.63 14.41 4.25
N LYS A 17 12.31 14.11 3.15
CA LYS A 17 12.57 15.04 2.07
C LYS A 17 11.31 15.52 1.39
N THR A 18 10.20 14.77 1.37
CA THR A 18 9.07 15.38 0.65
C THR A 18 7.81 15.45 1.48
N GLU A 19 7.76 15.14 2.78
CA GLU A 19 6.47 15.29 3.47
C GLU A 19 5.95 16.72 3.47
N ARG A 20 6.79 17.74 3.28
CA ARG A 20 6.19 19.08 3.27
C ARG A 20 5.32 19.28 2.04
N GLU A 21 5.63 18.57 0.95
CA GLU A 21 4.76 18.65 -0.23
C GLU A 21 3.33 18.24 0.14
N LEU A 22 3.14 17.23 0.98
CA LEU A 22 1.84 16.80 1.45
C LEU A 22 1.17 17.87 2.31
N LEU A 23 1.92 18.35 3.29
CA LEU A 23 1.45 19.43 4.15
C LEU A 23 0.98 20.63 3.34
N GLU A 24 1.76 21.05 2.35
CA GLU A 24 1.37 22.27 1.63
C GLU A 24 0.11 22.01 0.81
N SER A 25 -0.22 20.74 0.57
CA SER A 25 -1.45 20.48 -0.20
C SER A 25 -2.66 20.46 0.71
N TYR A 26 -2.40 20.29 2.01
CA TYR A 26 -3.53 20.28 2.94
C TYR A 26 -3.89 21.73 3.30
N ILE A 27 -4.63 22.35 2.47
CA ILE A 27 -5.34 23.07 1.47
C ILE A 27 -4.33 23.91 0.68
N ILE B 1 6.37 1.63 -9.13
CA ILE B 1 6.12 3.07 -9.08
C ILE B 1 6.78 3.76 -10.27
N VAL B 2 5.98 4.41 -11.11
CA VAL B 2 6.58 5.11 -12.25
C VAL B 2 6.80 6.59 -11.93
N GLU B 3 7.99 7.08 -12.26
CA GLU B 3 8.38 8.45 -12.04
C GLU B 3 8.34 8.82 -10.57
N GLY B 4 8.69 7.87 -9.70
CA GLY B 4 8.82 8.20 -8.29
C GLY B 4 10.30 8.44 -7.97
N SER B 5 10.69 8.19 -6.73
CA SER B 5 12.09 8.26 -6.31
C SER B 5 12.40 7.16 -5.29
N ASP B 6 13.69 6.96 -5.00
CA ASP B 6 14.11 6.08 -3.94
C ASP B 6 13.58 6.54 -2.58
N ALA B 7 12.94 5.66 -1.82
CA ALA B 7 12.55 6.02 -0.47
C ALA B 7 13.77 6.23 0.42
N GLU B 8 13.62 7.01 1.48
CA GLU B 8 14.67 7.17 2.48
C GLU B 8 14.59 5.97 3.41
N ILE B 9 15.66 5.63 4.11
CA ILE B 9 15.65 4.55 5.08
C ILE B 9 14.62 4.83 6.17
N GLY B 10 13.75 3.87 6.50
CA GLY B 10 12.73 4.02 7.51
C GLY B 10 11.60 5.00 7.23
N MET B 11 11.47 5.46 6.00
CA MET B 11 10.44 6.41 5.60
C MET B 11 9.06 5.79 5.52
N SER B 12 8.97 4.48 5.38
CA SER B 12 7.73 3.75 5.26
C SER B 12 7.83 2.40 5.97
N PRO B 13 7.97 2.46 7.28
CA PRO B 13 8.23 1.27 8.09
C PRO B 13 7.07 0.29 8.19
N TRP B 14 5.90 0.66 7.69
CA TRP B 14 4.74 -0.20 7.63
C TRP B 14 4.72 -0.97 6.29
N GLN B 15 5.68 -0.66 5.43
CA GLN B 15 5.71 -1.26 4.10
C GLN B 15 5.95 -2.76 4.23
N VAL B 16 5.10 -3.53 3.56
CA VAL B 16 5.22 -4.98 3.55
C VAL B 16 5.33 -5.54 2.13
N MET B 17 6.14 -6.58 1.95
CA MET B 17 6.32 -7.29 0.69
C MET B 17 5.71 -8.68 0.85
N LEU B 18 4.77 -8.95 -0.04
CA LEU B 18 4.20 -10.28 -0.18
C LEU B 18 5.08 -10.99 -1.22
N PHE B 19 5.58 -12.13 -0.76
CA PHE B 19 6.63 -12.83 -1.49
C PHE B 19 6.18 -14.25 -1.73
N ARG B 20 6.21 -14.68 -2.99
CA ARG B 20 5.89 -16.06 -3.31
C ARG B 20 7.03 -16.98 -2.87
N LYS B 21 6.65 -18.09 -2.26
CA LYS B 21 7.61 -19.11 -1.84
C LYS B 21 8.18 -19.81 -3.08
N SER B 22 7.28 -20.44 -3.84
CA SER B 22 7.80 -21.10 -5.05
C SER B 22 6.96 -20.76 -6.27
N PRO B 23 7.53 -20.14 -7.31
CA PRO B 23 8.88 -19.62 -7.37
C PRO B 23 9.06 -18.32 -6.58
N GLN B 24 10.18 -18.18 -5.89
CA GLN B 24 10.53 -17.08 -4.99
C GLN B 24 10.46 -15.72 -5.68
N GLU B 25 9.33 -15.02 -5.55
CA GLU B 25 9.19 -13.79 -6.32
C GLU B 25 8.30 -12.75 -5.65
N LEU B 26 8.35 -11.51 -6.11
CA LEU B 26 7.45 -10.49 -5.61
C LEU B 26 6.01 -10.77 -6.01
N LEU B 27 5.12 -10.87 -5.04
CA LEU B 27 3.71 -11.04 -5.39
C LEU B 27 2.92 -9.75 -5.31
N CYS B 28 3.20 -8.95 -4.29
CA CYS B 28 2.43 -7.72 -4.12
C CYS B 28 3.09 -6.90 -3.02
N GLY B 29 2.58 -5.70 -2.83
CA GLY B 29 2.81 -4.90 -1.65
C GLY B 29 1.68 -5.07 -0.64
N ALA B 30 1.80 -4.42 0.51
CA ALA B 30 0.90 -4.62 1.63
C ALA B 30 1.30 -3.70 2.76
N SER B 31 0.59 -3.70 3.86
CA SER B 31 0.74 -2.79 4.97
C SER B 31 0.76 -3.44 6.35
N LEU B 32 1.66 -3.00 7.25
CA LEU B 32 1.56 -3.45 8.64
C LEU B 32 0.65 -2.56 9.47
N ILE B 33 -0.41 -3.17 10.02
CA ILE B 33 -1.34 -2.36 10.79
C ILE B 33 -1.34 -2.71 12.27
N SER B 34 -0.82 -3.86 12.67
CA SER B 34 -0.57 -4.20 14.08
C SER B 34 0.56 -5.24 14.15
N ASP B 35 0.86 -5.80 15.31
CA ASP B 35 2.02 -6.71 15.37
C ASP B 35 1.70 -8.06 14.76
N ARG B 36 0.43 -8.31 14.44
CA ARG B 36 0.04 -9.57 13.83
C ARG B 36 -0.89 -9.42 12.63
N TRP B 37 -1.14 -8.22 12.11
CA TRP B 37 -2.08 -8.03 11.01
C TRP B 37 -1.49 -7.20 9.87
N VAL B 38 -1.69 -7.73 8.67
CA VAL B 38 -1.20 -7.11 7.45
C VAL B 38 -2.35 -6.88 6.48
N LEU B 39 -2.41 -5.65 5.95
CA LEU B 39 -3.50 -5.32 5.05
C LEU B 39 -2.98 -5.28 3.62
N THR B 40 -3.78 -5.75 2.68
CA THR B 40 -3.42 -5.80 1.25
C THR B 40 -4.65 -5.70 0.36
N ALA B 41 -4.47 -5.77 -0.95
CA ALA B 41 -5.61 -5.81 -1.88
C ALA B 41 -6.08 -7.25 -2.05
N ALA B 42 -7.39 -7.46 -2.12
CA ALA B 42 -7.92 -8.80 -2.34
C ALA B 42 -7.37 -9.46 -3.60
N HIS B 43 -7.16 -8.67 -4.65
CA HIS B 43 -6.77 -9.18 -5.97
C HIS B 43 -5.35 -9.72 -5.92
N CYS B 44 -4.62 -9.39 -4.87
CA CYS B 44 -3.27 -9.91 -4.66
C CYS B 44 -3.35 -11.39 -4.33
N LEU B 45 -4.48 -11.80 -3.72
CA LEU B 45 -4.58 -13.19 -3.30
C LEU B 45 -5.62 -13.96 -4.10
N LEU B 46 -6.61 -13.25 -4.62
CA LEU B 46 -7.67 -13.94 -5.36
C LEU B 46 -8.04 -13.16 -6.60
N TYR B 47 -7.86 -13.81 -7.76
CA TYR B 47 -8.26 -13.25 -9.04
C TYR B 47 -8.37 -14.37 -10.08
N PRO B 48 -9.50 -15.06 -9.99
CA PRO B 48 -9.83 -16.18 -10.87
C PRO B 48 -9.61 -15.94 -12.35
N PRO B 49 -9.90 -14.79 -12.96
CA PRO B 49 -9.57 -14.62 -14.38
C PRO B 49 -8.11 -14.90 -14.70
N TRP B 50 -7.22 -14.78 -13.72
CA TRP B 50 -5.80 -15.04 -13.94
C TRP B 50 -5.40 -16.32 -13.22
N ASP B 51 -6.40 -17.11 -12.83
CA ASP B 51 -6.15 -18.33 -12.07
C ASP B 51 -5.30 -18.07 -10.83
N LYS B 52 -5.52 -16.94 -10.17
CA LYS B 52 -4.82 -16.70 -8.91
C LYS B 52 -5.73 -16.97 -7.72
N ASN B 53 -5.31 -17.88 -6.85
CA ASN B 53 -6.03 -18.14 -5.60
C ASN B 53 -5.05 -18.66 -4.55
N PHE B 54 -4.33 -17.72 -3.92
CA PHE B 54 -3.31 -18.17 -2.97
C PHE B 54 -3.85 -18.67 -1.64
N THR B 55 -3.22 -19.72 -1.12
CA THR B 55 -3.46 -20.15 0.25
C THR B 55 -2.30 -19.67 1.13
N GLU B 56 -2.49 -19.69 2.43
CA GLU B 56 -1.51 -19.29 3.42
C GLU B 56 -0.11 -19.81 3.08
N ASN B 57 0.02 -21.09 2.74
CA ASN B 57 1.36 -21.67 2.65
C ASN B 57 2.06 -21.34 1.35
N ASP B 58 1.36 -20.64 0.45
CA ASP B 58 2.00 -20.29 -0.81
C ASP B 58 2.90 -19.07 -0.63
N LEU B 59 2.75 -18.33 0.47
CA LEU B 59 3.57 -17.10 0.48
C LEU B 59 4.14 -16.75 1.85
N LEU B 60 4.91 -15.67 1.86
CA LEU B 60 5.54 -15.11 3.05
C LEU B 60 5.37 -13.60 3.08
N VAL B 61 5.37 -12.97 4.26
CA VAL B 61 5.42 -11.51 4.27
C VAL B 61 6.83 -11.12 4.74
N ARG B 62 7.41 -10.16 4.03
CA ARG B 62 8.71 -9.64 4.45
C ARG B 62 8.59 -8.17 4.85
N ILE B 63 8.94 -7.90 6.09
CA ILE B 63 8.81 -6.61 6.75
C ILE B 63 10.14 -5.99 7.11
N GLY B 64 10.19 -4.66 7.01
CA GLY B 64 11.38 -3.90 7.25
C GLY B 64 12.30 -3.74 6.06
N LYS B 65 11.84 -4.04 4.85
CA LYS B 65 12.70 -3.98 3.69
C LYS B 65 12.78 -2.58 3.07
N HIS B 66 13.88 -2.42 2.38
CA HIS B 66 14.33 -1.34 1.55
C HIS B 66 14.74 -1.88 0.17
N SER B 67 15.75 -2.73 0.15
CA SER B 67 16.16 -3.45 -1.05
C SER B 67 15.07 -4.40 -1.56
N ARG B 68 14.76 -4.33 -2.84
CA ARG B 68 13.80 -5.19 -3.51
C ARG B 68 14.20 -6.65 -3.53
N THR B 69 15.42 -6.94 -4.01
CA THR B 69 15.86 -8.32 -4.16
C THR B 69 16.63 -8.86 -2.98
N ARG B 70 17.38 -8.04 -2.25
CA ARG B 70 18.32 -8.59 -1.26
C ARG B 70 17.68 -9.17 0.00
N TYR B 71 18.31 -10.18 0.62
CA TYR B 71 17.87 -10.57 1.95
C TYR B 71 18.48 -9.63 2.98
N GLU B 72 17.65 -8.82 3.64
CA GLU B 72 18.29 -7.78 4.48
C GLU B 72 18.49 -8.27 5.90
N ARG B 73 19.63 -8.96 6.03
CA ARG B 73 20.05 -9.58 7.28
C ARG B 73 20.10 -8.59 8.44
N ASN B 74 19.50 -8.94 9.56
CA ASN B 74 19.46 -8.12 10.76
C ASN B 74 18.56 -6.89 10.60
N ILE B 75 17.83 -6.79 9.50
CA ILE B 75 16.95 -5.64 9.29
C ILE B 75 15.52 -6.04 9.00
N GLU B 76 15.31 -6.78 7.91
CA GLU B 76 13.98 -7.29 7.61
C GLU B 76 13.63 -8.46 8.52
N LYS B 77 12.34 -8.68 8.65
CA LYS B 77 11.74 -9.83 9.31
C LYS B 77 10.84 -10.52 8.28
N ILE B 78 10.88 -11.84 8.27
CA ILE B 78 10.03 -12.67 7.40
C ILE B 78 9.00 -13.40 8.22
N SER B 79 7.71 -13.25 7.92
CA SER B 79 6.68 -13.87 8.75
C SER B 79 5.80 -14.83 7.94
N MET B 80 5.32 -15.87 8.60
CA MET B 80 4.42 -16.84 8.00
C MET B 80 2.97 -16.45 8.28
N LEU B 81 2.09 -16.82 7.36
CA LEU B 81 0.68 -16.47 7.52
C LEU B 81 -0.09 -17.62 8.19
N GLU B 82 -0.89 -17.21 9.16
CA GLU B 82 -1.79 -18.10 9.88
C GLU B 82 -3.09 -18.25 9.11
N LYS B 83 -3.60 -17.10 8.66
CA LYS B 83 -4.89 -17.11 7.98
C LYS B 83 -5.12 -15.85 7.16
N ILE B 84 -5.74 -16.07 6.02
CA ILE B 84 -6.12 -15.03 5.08
C ILE B 84 -7.62 -14.78 5.21
N TYR B 85 -8.01 -13.54 5.04
CA TYR B 85 -9.35 -13.04 5.16
C TYR B 85 -9.65 -12.04 4.05
N ILE B 86 -10.46 -12.49 3.10
CA ILE B 86 -10.85 -11.64 1.96
C ILE B 86 -12.25 -11.09 2.12
N HIS B 87 -12.46 -9.82 1.73
CA HIS B 87 -13.81 -9.25 1.86
C HIS B 87 -14.86 -10.11 1.17
N PRO B 88 -15.89 -10.54 1.88
CA PRO B 88 -16.88 -11.49 1.36
C PRO B 88 -17.70 -11.02 0.17
N ARG B 89 -17.84 -9.75 -0.12
CA ARG B 89 -18.37 -9.03 -1.25
C ARG B 89 -17.35 -8.42 -2.18
N TYR B 90 -16.05 -8.73 -2.07
CA TYR B 90 -15.05 -8.35 -3.06
C TYR B 90 -15.50 -8.77 -4.45
N ASN B 91 -15.51 -7.85 -5.39
CA ASN B 91 -16.04 -8.07 -6.73
C ASN B 91 -14.96 -8.35 -7.76
N TRP B 92 -14.43 -9.57 -7.82
CA TRP B 92 -13.39 -9.85 -8.79
C TRP B 92 -13.99 -10.02 -10.19
N ARG B 93 -15.32 -10.16 -10.25
CA ARG B 93 -15.90 -10.44 -11.57
C ARG B 93 -15.96 -9.17 -12.42
N GLU B 94 -16.13 -8.00 -11.79
CA GLU B 94 -16.33 -6.81 -12.61
C GLU B 94 -15.29 -5.73 -12.40
N ASN B 95 -15.23 -5.12 -11.23
CA ASN B 95 -14.39 -3.91 -11.15
C ASN B 95 -13.50 -3.81 -9.92
N LEU B 96 -13.30 -4.92 -9.23
CA LEU B 96 -12.52 -5.01 -8.00
C LEU B 96 -13.13 -4.20 -6.88
N ASP B 97 -14.46 -4.04 -6.90
CA ASP B 97 -15.08 -3.35 -5.77
C ASP B 97 -14.80 -4.09 -4.48
N ARG B 98 -14.55 -3.33 -3.42
CA ARG B 98 -14.15 -3.86 -2.13
C ARG B 98 -12.88 -4.70 -2.25
N ASP B 99 -11.90 -4.11 -2.90
CA ASP B 99 -10.59 -4.71 -3.12
C ASP B 99 -9.74 -4.60 -1.85
N ILE B 100 -9.94 -5.57 -0.96
CA ILE B 100 -9.31 -5.50 0.35
C ILE B 100 -9.24 -6.88 0.98
N ALA B 101 -8.12 -7.13 1.65
CA ALA B 101 -7.90 -8.36 2.39
C ALA B 101 -6.93 -8.16 3.55
N LEU B 102 -7.08 -8.98 4.58
CA LEU B 102 -6.26 -9.02 5.77
C LEU B 102 -5.54 -10.36 5.90
N MET B 103 -4.34 -10.32 6.50
CA MET B 103 -3.57 -11.53 6.77
C MET B 103 -3.15 -11.49 8.23
N LYS B 104 -3.48 -12.55 8.95
CA LYS B 104 -3.00 -12.69 10.33
C LYS B 104 -1.69 -13.47 10.32
N LEU B 105 -0.67 -13.01 11.04
CA LEU B 105 0.62 -13.66 11.07
C LEU B 105 0.65 -14.73 12.17
N LYS B 106 1.49 -15.73 11.97
CA LYS B 106 1.58 -16.79 12.97
C LYS B 106 2.15 -16.27 14.29
N LYS B 107 3.10 -15.36 14.24
CA LYS B 107 3.70 -14.82 15.45
C LYS B 107 3.83 -13.31 15.33
N PRO B 108 3.85 -12.62 16.47
CA PRO B 108 3.91 -11.15 16.40
C PRO B 108 5.24 -10.74 15.79
N VAL B 109 5.28 -9.68 14.98
CA VAL B 109 6.58 -9.18 14.54
C VAL B 109 7.07 -8.14 15.54
N ALA B 110 8.38 -8.13 15.74
CA ALA B 110 8.96 -7.13 16.63
C ALA B 110 9.12 -5.81 15.89
N PHE B 111 8.64 -4.75 16.55
CA PHE B 111 8.79 -3.40 16.00
C PHE B 111 10.24 -3.00 16.14
N SER B 112 10.74 -2.16 15.24
CA SER B 112 12.11 -1.67 15.22
C SER B 112 12.18 -0.33 14.51
N ASP B 113 13.36 0.23 14.32
CA ASP B 113 13.44 1.45 13.53
C ASP B 113 12.85 1.27 12.14
N TYR B 114 12.80 0.06 11.61
CA TYR B 114 12.44 -0.21 10.22
C TYR B 114 11.05 -0.83 10.03
N ILE B 115 10.49 -1.24 11.15
CA ILE B 115 9.22 -1.93 11.29
C ILE B 115 8.30 -1.27 12.31
N HIS B 116 7.19 -0.75 11.79
CA HIS B 116 6.22 0.00 12.59
C HIS B 116 4.89 0.10 11.87
N PRO B 117 3.79 -0.06 12.61
CA PRO B 117 2.46 0.02 12.01
C PRO B 117 1.97 1.44 11.67
N VAL B 118 1.16 1.48 10.61
CA VAL B 118 0.51 2.69 10.11
C VAL B 118 -0.85 2.81 10.80
N CYS B 119 -1.40 4.00 11.01
CA CYS B 119 -2.74 4.08 11.57
C CYS B 119 -3.81 3.82 10.51
N LEU B 120 -4.98 3.40 11.02
CA LEU B 120 -6.15 3.40 10.15
C LEU B 120 -7.05 4.59 10.47
N PRO B 121 -7.70 5.13 9.45
CA PRO B 121 -8.49 6.33 9.70
C PRO B 121 -9.87 6.05 10.30
N ASP B 122 -10.31 7.01 11.10
CA ASP B 122 -11.69 7.07 11.56
C ASP B 122 -12.40 8.13 10.70
N ARG B 123 -13.69 8.29 10.86
CA ARG B 123 -14.53 9.15 10.05
C ARG B 123 -14.01 10.58 9.87
N GLU B 124 -13.51 11.16 10.95
CA GLU B 124 -13.01 12.53 10.90
C GLU B 124 -11.70 12.63 10.14
N THR B 125 -10.85 11.61 10.31
CA THR B 125 -9.59 11.69 9.56
C THR B 125 -9.94 11.66 8.07
N ALA B 126 -10.83 10.74 7.70
CA ALA B 126 -11.24 10.63 6.30
C ALA B 126 -11.93 11.91 5.80
N ALA B 127 -12.86 12.39 6.61
CA ALA B 127 -13.61 13.60 6.31
C ALA B 127 -12.64 14.70 5.90
N SER B 128 -11.67 14.85 6.79
CA SER B 128 -10.76 16.00 6.68
C SER B 128 -9.65 15.80 5.65
N LEU B 129 -9.18 14.60 5.33
CA LEU B 129 -8.03 14.45 4.44
C LEU B 129 -8.36 13.99 3.03
N LEU B 130 -9.45 13.27 2.86
CA LEU B 130 -9.88 12.74 1.57
C LEU B 130 -10.52 13.85 0.75
N GLN B 131 -9.72 14.80 0.32
CA GLN B 131 -10.17 15.98 -0.41
C GLN B 131 -9.46 16.10 -1.75
N ALA B 132 -10.20 16.43 -2.79
CA ALA B 132 -9.57 16.68 -4.09
C ALA B 132 -8.44 17.67 -3.92
N GLY B 133 -7.24 17.31 -4.39
CA GLY B 133 -6.10 18.20 -4.30
C GLY B 133 -5.12 17.83 -3.20
N TYR B 134 -5.65 17.26 -2.13
CA TYR B 134 -4.80 16.78 -1.03
C TYR B 134 -3.89 15.66 -1.51
N LYS B 135 -2.61 15.68 -1.16
CA LYS B 135 -1.72 14.63 -1.67
C LYS B 135 -1.56 13.52 -0.63
N GLY B 136 -1.47 12.32 -1.18
CA GLY B 136 -1.12 11.10 -0.48
C GLY B 136 0.19 10.62 -1.06
N ARG B 137 0.69 9.56 -0.44
CA ARG B 137 1.98 8.97 -0.76
C ARG B 137 1.83 7.48 -1.03
N VAL B 138 2.33 7.04 -2.18
CA VAL B 138 2.26 5.63 -2.52
C VAL B 138 3.68 5.08 -2.64
N THR B 139 3.89 3.84 -2.19
CA THR B 139 5.21 3.26 -2.18
C THR B 139 5.16 1.83 -2.68
N GLY B 140 6.23 1.35 -3.30
CA GLY B 140 6.23 -0.06 -3.69
C GLY B 140 7.50 -0.41 -4.46
N TRP B 141 7.67 -1.69 -4.74
CA TRP B 141 8.77 -2.25 -5.49
C TRP B 141 8.36 -2.72 -6.90
N GLY B 142 7.23 -2.26 -7.38
CA GLY B 142 6.69 -2.50 -8.69
C GLY B 142 7.50 -1.84 -9.79
N ASN B 143 7.05 -2.05 -11.02
CA ASN B 143 7.72 -1.57 -12.22
C ASN B 143 7.89 -0.06 -12.22
N LEU B 144 9.03 0.39 -12.74
CA LEU B 144 9.33 1.79 -12.95
C LEU B 144 8.75 2.34 -14.24
N LYS B 145 8.28 1.42 -15.08
CA LYS B 145 7.77 1.79 -16.38
C LYS B 145 6.59 0.91 -16.76
N GLU B 146 5.60 1.44 -17.48
CA GLU B 146 4.48 0.61 -17.94
C GLU B 146 4.98 -0.47 -18.89
N THR B 147 5.91 -0.13 -19.79
CA THR B 147 6.48 -1.18 -20.64
C THR B 147 7.98 -0.98 -20.82
N GLY B 155 12.75 -0.84 -15.53
CA GLY B 155 11.60 -1.65 -15.18
C GLY B 155 11.50 -1.98 -13.71
N GLN B 156 12.49 -2.65 -13.14
CA GLN B 156 12.53 -3.12 -11.76
C GLN B 156 13.40 -2.29 -10.84
N PRO B 157 12.89 -1.83 -9.70
CA PRO B 157 13.71 -0.89 -8.90
C PRO B 157 14.72 -1.63 -8.04
N SER B 158 15.81 -0.93 -7.71
CA SER B 158 16.77 -1.48 -6.76
C SER B 158 16.20 -1.38 -5.35
N VAL B 159 15.73 -0.19 -4.97
CA VAL B 159 15.11 -0.08 -3.66
C VAL B 159 13.66 0.40 -3.72
N LEU B 160 13.00 0.34 -2.57
CA LEU B 160 11.64 0.84 -2.43
C LEU B 160 11.49 2.23 -3.06
N GLN B 161 10.43 2.42 -3.80
CA GLN B 161 10.16 3.69 -4.47
C GLN B 161 8.97 4.42 -3.84
N VAL B 162 8.99 5.74 -3.90
CA VAL B 162 7.91 6.54 -3.32
C VAL B 162 7.49 7.64 -4.30
N VAL B 163 6.21 8.02 -4.21
CA VAL B 163 5.71 9.12 -5.05
C VAL B 163 4.50 9.76 -4.38
N ASN B 164 4.48 11.10 -4.38
CA ASN B 164 3.34 11.79 -3.81
C ASN B 164 2.37 12.16 -4.93
N LEU B 165 1.08 12.01 -4.70
CA LEU B 165 0.06 12.18 -5.71
C LEU B 165 -1.19 12.80 -5.10
N PRO B 166 -1.75 13.78 -5.80
CA PRO B 166 -2.99 14.41 -5.35
C PRO B 166 -4.22 13.55 -5.60
N ILE B 167 -5.16 13.54 -4.65
CA ILE B 167 -6.45 12.89 -4.82
C ILE B 167 -7.24 13.61 -5.90
N VAL B 168 -7.90 12.90 -6.79
CA VAL B 168 -8.61 13.60 -7.88
C VAL B 168 -10.12 13.66 -7.70
N GLU B 169 -10.73 14.72 -8.21
CA GLU B 169 -12.18 14.93 -8.19
C GLU B 169 -12.89 13.73 -8.82
N ARG B 170 -13.96 13.34 -8.15
CA ARG B 170 -14.76 12.15 -8.44
C ARG B 170 -15.23 12.19 -9.89
N PRO B 171 -15.79 13.28 -10.40
CA PRO B 171 -16.20 13.27 -11.82
C PRO B 171 -15.03 13.09 -12.78
N VAL B 172 -13.86 13.61 -12.44
CA VAL B 172 -12.70 13.45 -13.33
C VAL B 172 -12.27 11.99 -13.34
N CYS B 173 -12.28 11.36 -12.17
CA CYS B 173 -11.99 9.93 -12.12
C CYS B 173 -12.91 9.17 -13.06
N LYS B 174 -14.20 9.39 -12.91
CA LYS B 174 -15.26 8.72 -13.64
C LYS B 174 -15.12 8.82 -15.16
N ASP B 175 -14.85 10.02 -15.61
CA ASP B 175 -14.71 10.43 -17.01
C ASP B 175 -13.41 10.00 -17.65
N SER B 176 -12.47 9.55 -16.83
CA SER B 176 -11.19 9.07 -17.32
C SER B 176 -11.22 7.60 -17.71
N THR B 177 -12.33 6.93 -17.41
CA THR B 177 -12.37 5.48 -17.64
C THR B 177 -13.75 4.96 -18.00
N ARG B 178 -13.81 3.78 -18.59
CA ARG B 178 -15.08 3.13 -18.91
C ARG B 178 -15.49 2.17 -17.78
N ILE B 179 -14.57 1.89 -16.86
CA ILE B 179 -14.88 1.04 -15.73
C ILE B 179 -15.87 1.73 -14.79
N ARG B 180 -16.70 0.94 -14.14
CA ARG B 180 -17.68 1.47 -13.19
C ARG B 180 -16.98 1.72 -11.85
N ILE B 181 -16.99 2.99 -11.46
CA ILE B 181 -16.39 3.47 -10.21
C ILE B 181 -17.35 3.32 -9.03
N THR B 182 -16.93 2.83 -7.86
CA THR B 182 -17.84 2.78 -6.72
C THR B 182 -17.38 3.74 -5.62
N ASP B 183 -18.23 3.90 -4.60
CA ASP B 183 -17.87 4.73 -3.45
C ASP B 183 -16.77 4.12 -2.61
N ASN B 184 -16.46 2.85 -2.84
CA ASN B 184 -15.36 2.14 -2.20
C ASN B 184 -14.04 2.33 -2.93
N MET B 185 -13.97 3.25 -3.88
CA MET B 185 -12.75 3.57 -4.58
C MET B 185 -12.51 5.08 -4.62
N PHE B 186 -11.26 5.46 -4.85
CA PHE B 186 -10.94 6.83 -5.19
C PHE B 186 -9.75 6.81 -6.17
N CYS B 187 -9.54 7.90 -6.91
CA CYS B 187 -8.39 7.93 -7.82
C CYS B 187 -7.49 9.11 -7.48
N ALA B 188 -6.22 8.97 -7.85
CA ALA B 188 -5.22 9.98 -7.55
C ALA B 188 -4.18 10.00 -8.68
N GLY B 189 -3.55 11.15 -8.84
CA GLY B 189 -2.60 11.32 -9.94
C GLY B 189 -2.70 12.75 -10.45
N TYR B 190 -1.67 13.16 -11.18
CA TYR B 190 -1.72 14.51 -11.76
C TYR B 190 -2.49 14.49 -13.09
N LYS B 191 -3.15 15.57 -13.41
CA LYS B 191 -3.77 15.77 -14.71
C LYS B 191 -2.76 16.24 -15.76
N PRO B 192 -3.07 16.03 -17.02
CA PRO B 192 -2.17 16.37 -18.12
C PRO B 192 -1.60 17.79 -18.02
N ASP B 193 -2.47 18.76 -17.79
CA ASP B 193 -2.15 20.17 -17.66
C ASP B 193 -1.28 20.47 -16.44
N GLU B 194 -1.06 19.48 -15.57
CA GLU B 194 -0.34 19.74 -14.32
C GLU B 194 1.13 19.47 -14.46
N GLY B 195 1.52 18.97 -15.62
CA GLY B 195 2.88 18.69 -15.99
C GLY B 195 3.55 17.57 -15.21
N LYS B 196 3.42 17.62 -13.89
CA LYS B 196 4.00 16.61 -13.02
C LYS B 196 3.40 15.23 -13.29
N ARG B 197 4.16 14.21 -12.91
CA ARG B 197 3.77 12.83 -13.23
C ARG B 197 3.91 11.94 -12.02
N GLY B 198 3.56 10.67 -12.20
CA GLY B 198 3.69 9.64 -11.21
C GLY B 198 2.46 8.74 -11.15
N ASP B 199 2.73 7.51 -10.75
CA ASP B 199 1.71 6.48 -10.69
C ASP B 199 2.32 5.25 -10.00
N ALA B 200 1.43 4.47 -9.44
CA ALA B 200 1.68 3.11 -9.09
C ALA B 200 1.70 2.28 -10.37
N CYS B 201 2.11 1.03 -10.33
CA CYS B 201 2.15 0.18 -11.52
C CYS B 201 2.14 -1.29 -11.12
N GLU B 202 2.24 -2.22 -12.07
CA GLU B 202 2.35 -3.64 -11.72
C GLU B 202 3.38 -3.92 -10.63
N GLY B 203 2.97 -4.65 -9.61
CA GLY B 203 3.76 -5.05 -8.47
C GLY B 203 3.65 -4.15 -7.26
N ASP B 204 3.13 -2.94 -7.40
CA ASP B 204 2.83 -2.01 -6.34
C ASP B 204 1.48 -2.36 -5.70
N SER B 205 0.69 -3.13 -6.44
CA SER B 205 -0.57 -3.71 -6.01
C SER B 205 -0.54 -4.09 -4.53
N GLY B 206 -1.57 -3.73 -3.78
CA GLY B 206 -1.75 -4.09 -2.40
C GLY B 206 -1.06 -3.17 -1.41
N GLY B 207 -0.24 -2.27 -1.94
CA GLY B 207 0.53 -1.34 -1.12
C GLY B 207 -0.30 -0.18 -0.64
N PRO B 208 0.25 0.59 0.29
CA PRO B 208 -0.48 1.69 0.90
C PRO B 208 -0.42 3.03 0.19
N PHE B 209 -1.55 3.74 0.18
CA PHE B 209 -1.64 5.18 -0.12
C PHE B 209 -1.76 5.90 1.21
N VAL B 210 -0.74 6.63 1.68
CA VAL B 210 -0.83 7.20 3.02
C VAL B 210 -0.83 8.74 2.97
N MET B 211 -1.35 9.31 4.05
CA MET B 211 -1.47 10.74 4.26
C MET B 211 -0.99 11.06 5.66
N LYS B 212 -0.32 12.20 5.83
CA LYS B 212 0.19 12.58 7.17
C LYS B 212 -0.71 13.67 7.77
N SER B 213 -1.40 13.27 8.82
CA SER B 213 -2.36 14.16 9.46
C SER B 213 -1.71 15.46 9.91
N PRO B 214 -2.22 16.59 9.46
CA PRO B 214 -1.62 17.84 9.94
C PRO B 214 -2.10 18.22 11.33
N PHE B 215 -3.07 17.52 11.88
CA PHE B 215 -3.65 17.65 13.19
C PHE B 215 -2.83 16.97 14.28
N ASN B 216 -2.39 15.73 14.03
CA ASN B 216 -1.70 14.97 15.07
C ASN B 216 -0.36 14.38 14.62
N ASN B 217 0.07 14.75 13.44
CA ASN B 217 1.33 14.39 12.79
C ASN B 217 1.51 12.89 12.66
N ARG B 218 0.40 12.18 12.48
CA ARG B 218 0.48 10.74 12.33
C ARG B 218 0.15 10.34 10.89
N TRP B 219 0.75 9.25 10.43
CA TRP B 219 0.47 8.70 9.11
C TRP B 219 -0.70 7.71 9.15
N TYR B 220 -1.63 7.92 8.25
CA TYR B 220 -2.85 7.15 8.09
C TYR B 220 -2.94 6.53 6.71
N GLN B 221 -3.31 5.26 6.66
CA GLN B 221 -3.46 4.68 5.32
C GLN B 221 -4.89 4.86 4.84
N MET B 222 -5.02 5.69 3.80
CA MET B 222 -6.33 6.01 3.29
C MET B 222 -6.72 5.11 2.12
N GLY B 223 -5.74 4.52 1.46
CA GLY B 223 -6.03 3.73 0.28
C GLY B 223 -5.11 2.53 0.11
N ILE B 224 -5.53 1.62 -0.77
CA ILE B 224 -4.72 0.48 -1.16
C ILE B 224 -4.57 0.47 -2.67
N VAL B 225 -3.37 0.30 -3.19
CA VAL B 225 -3.19 0.21 -4.64
C VAL B 225 -4.00 -0.94 -5.22
N SER B 226 -4.95 -0.58 -6.08
CA SER B 226 -5.95 -1.51 -6.56
C SER B 226 -5.96 -1.75 -8.06
N TRP B 227 -6.10 -0.73 -8.91
CA TRP B 227 -6.11 -0.98 -10.35
C TRP B 227 -5.84 0.30 -11.11
N GLY B 228 -5.59 0.12 -12.42
CA GLY B 228 -5.35 1.25 -13.30
C GLY B 228 -5.29 0.76 -14.74
N GLU B 229 -5.28 1.69 -15.66
CA GLU B 229 -5.15 1.40 -17.09
C GLU B 229 -3.78 1.88 -17.56
N GLY B 230 -2.92 0.89 -17.78
CA GLY B 230 -1.53 1.28 -17.98
C GLY B 230 -0.99 1.91 -16.70
N CYS B 231 0.13 2.60 -16.83
CA CYS B 231 0.75 3.23 -15.67
C CYS B 231 1.32 4.58 -16.15
N ASP B 232 0.97 5.61 -15.42
CA ASP B 232 1.40 6.99 -15.69
C ASP B 232 0.99 7.41 -17.09
N ARG B 233 -0.17 6.95 -17.55
CA ARG B 233 -0.68 7.47 -18.82
C ARG B 233 -1.31 8.84 -18.61
N ASP B 234 -1.19 9.71 -19.59
CA ASP B 234 -1.84 11.02 -19.61
C ASP B 234 -3.36 10.90 -19.65
N GLY B 235 -4.07 11.62 -18.78
CA GLY B 235 -5.51 11.47 -18.77
C GLY B 235 -6.00 10.28 -17.96
N LYS B 236 -5.12 9.35 -17.56
CA LYS B 236 -5.47 8.22 -16.73
C LYS B 236 -4.98 8.44 -15.29
N TYR B 237 -5.55 7.70 -14.33
CA TYR B 237 -5.38 7.88 -12.90
C TYR B 237 -5.32 6.52 -12.21
N GLY B 238 -4.53 6.44 -11.13
CA GLY B 238 -4.51 5.16 -10.40
C GLY B 238 -5.75 5.07 -9.51
N PHE B 239 -6.28 3.88 -9.30
CA PHE B 239 -7.44 3.73 -8.43
C PHE B 239 -7.03 2.94 -7.18
N TYR B 240 -7.60 3.34 -6.06
CA TYR B 240 -7.31 2.87 -4.73
C TYR B 240 -8.56 2.44 -3.98
N THR B 241 -8.45 1.32 -3.27
CA THR B 241 -9.48 0.95 -2.32
C THR B 241 -9.60 2.04 -1.24
N HIS B 242 -10.81 2.43 -0.93
CA HIS B 242 -11.17 3.41 0.10
C HIS B 242 -11.15 2.78 1.48
N VAL B 243 -10.03 2.85 2.19
CA VAL B 243 -9.89 2.04 3.40
C VAL B 243 -10.96 2.42 4.42
N PHE B 244 -11.24 3.72 4.57
CA PHE B 244 -12.19 4.06 5.62
C PHE B 244 -13.57 3.47 5.38
N ARG B 245 -13.98 3.36 4.13
CA ARG B 245 -15.31 2.89 3.74
C ARG B 245 -15.42 1.39 4.05
N LEU B 246 -14.31 0.69 4.22
CA LEU B 246 -14.34 -0.73 4.54
C LEU B 246 -13.82 -1.06 5.92
N LYS B 247 -13.67 -0.04 6.75
CA LYS B 247 -13.13 -0.21 8.09
C LYS B 247 -14.00 -1.05 9.00
N LYS B 248 -15.32 -0.98 8.88
CA LYS B 248 -16.16 -1.81 9.75
C LYS B 248 -15.89 -3.30 9.55
N TRP B 249 -15.66 -3.68 8.30
CA TRP B 249 -15.25 -5.03 7.98
C TRP B 249 -13.93 -5.36 8.65
N ILE B 250 -12.99 -4.43 8.55
CA ILE B 250 -11.67 -4.65 9.13
C ILE B 250 -11.79 -4.86 10.64
N GLN B 251 -12.55 -3.99 11.28
CA GLN B 251 -12.77 -4.07 12.72
C GLN B 251 -13.39 -5.41 13.08
N LYS B 252 -14.41 -5.74 12.28
CA LYS B 252 -15.16 -6.98 12.48
C LYS B 252 -14.26 -8.21 12.35
N VAL B 253 -13.36 -8.24 11.38
CA VAL B 253 -12.47 -9.40 11.26
C VAL B 253 -11.49 -9.49 12.41
N ILE B 254 -10.94 -8.35 12.81
CA ILE B 254 -9.91 -8.38 13.83
C ILE B 254 -10.53 -8.60 15.21
N ASP B 255 -11.71 -8.06 15.45
CA ASP B 255 -12.49 -8.27 16.67
C ASP B 255 -12.80 -9.75 16.89
N GLN B 256 -13.12 -10.48 15.83
CA GLN B 256 -13.48 -11.90 15.86
C GLN B 256 -12.27 -12.82 15.88
N PHE B 257 -11.23 -12.47 15.13
CA PHE B 257 -10.09 -13.38 15.08
C PHE B 257 -8.84 -12.77 15.70
N ASP C 1 18.29 -11.57 -9.52
CA ASP C 1 16.92 -11.70 -9.02
C ASP C 1 16.96 -11.86 -7.50
N PHE C 2 16.03 -12.56 -6.87
CA PHE C 2 15.95 -12.55 -5.42
C PHE C 2 17.03 -13.40 -4.75
N GLU C 3 17.78 -12.73 -3.89
CA GLU C 3 18.71 -13.48 -3.05
C GLU C 3 17.94 -14.46 -2.18
N GLU C 4 18.53 -15.62 -1.93
CA GLU C 4 17.88 -16.66 -1.15
C GLU C 4 17.69 -16.25 0.31
N ILE C 5 16.57 -16.68 0.88
CA ILE C 5 16.29 -16.38 2.28
C ILE C 5 16.61 -17.61 3.12
N PRO C 6 16.86 -17.45 4.41
CA PRO C 6 17.14 -18.61 5.28
C PRO C 6 16.08 -19.70 5.21
N GLU C 7 16.52 -20.93 4.98
CA GLU C 7 15.64 -22.10 4.95
C GLU C 7 14.72 -22.19 6.17
N GLU C 8 15.13 -21.63 7.29
CA GLU C 8 14.31 -21.44 8.48
C GLU C 8 12.86 -21.09 8.15
N TYS C 9 12.72 -20.17 7.20
CA TYS C 9 11.47 -19.57 6.76
CB TYS C 9 11.73 -18.16 6.20
CG TYS C 9 12.40 -17.28 7.24
CD1 TYS C 9 11.77 -17.01 8.44
CD2 TYS C 9 13.65 -16.72 7.01
CE1 TYS C 9 12.37 -16.20 9.39
CE2 TYS C 9 14.26 -15.92 7.96
CZ TYS C 9 13.61 -15.67 9.15
OH TYS C 9 14.22 -14.87 10.08
S TYS C 9 14.36 -13.38 9.59
O1 TYS C 9 13.21 -12.82 10.18
O2 TYS C 9 14.63 -12.49 8.54
O3 TYS C 9 15.35 -12.68 10.64
C TYS C 9 10.76 -20.40 5.68
O TYS C 9 9.64 -20.03 5.32
N LEU C 10 11.41 -21.45 5.22
CA LEU C 10 10.90 -22.34 4.18
C LEU C 10 11.09 -21.71 2.81
NA NA D . -1.85 9.88 -15.57
NA NA E . -16.57 6.99 -17.61
C27 RA8 F . -9.31 -2.02 -15.77
S26 RA8 F . -7.97 -2.68 -16.76
C30 RA8 F . -9.91 -3.09 -14.86
C31 RA8 F . -10.55 -4.20 -15.40
C32 RA8 F . -11.09 -5.19 -14.55
C33 RA8 F . -10.97 -5.04 -13.16
C34 RA8 F . -10.32 -3.92 -12.64
C35 RA8 F . -9.80 -2.94 -13.47
O15 RA8 F . -7.52 -1.58 -17.58
O29 RA8 F . -8.40 -3.93 -17.36
N25 RA8 F . -6.94 -2.99 -15.71
C19 RA8 F . -6.50 -4.19 -15.08
C18 RA8 F . -6.43 -3.96 -13.72
O24 RA8 F . -5.78 -3.00 -13.34
C20 RA8 F . -5.35 -4.92 -15.78
C21 RA8 F . -5.63 -5.15 -17.28
C22 RA8 F . -4.74 -6.30 -17.78
C23 RA8 F . -5.28 -3.85 -18.05
N16 RA8 F . -6.38 -5.07 -12.94
C11 RA8 F . -5.93 -4.99 -11.56
C5 RA8 F . -4.45 -4.69 -11.54
O12 RA8 F . -3.72 -5.21 -12.38
C13 RA8 F . -6.24 -6.52 -11.05
C14 RA8 F . -7.28 -7.19 -11.98
C17 RA8 F . -7.39 -6.27 -13.23
N10 RA8 F . -3.92 -4.04 -10.29
C9 RA8 F . -2.50 -3.73 -10.45
C8 RA8 F . -2.31 -2.28 -9.94
C7 RA8 F . -2.34 -1.33 -11.14
C6 RA8 F . -2.03 0.11 -10.66
N4 RA8 F . -2.00 0.92 -11.84
C2 RA8 F . -1.87 2.18 -11.70
N1 RA8 F . -2.03 2.86 -10.64
N3 RA8 F . -1.81 2.82 -12.80
C1 GOL G . -11.52 -20.47 -6.82
O1 GOL G . -12.23 -19.47 -7.55
C2 GOL G . -12.11 -20.69 -5.44
O2 GOL G . -11.94 -19.53 -4.66
C3 GOL G . -11.52 -21.92 -4.77
O3 GOL G . -12.38 -22.35 -3.74
C1 GOL H . -20.94 -17.86 -13.64
O1 GOL H . -20.35 -18.22 -12.41
C2 GOL H . -21.32 -16.39 -13.78
O2 GOL H . -22.27 -16.07 -12.79
C3 GOL H . -21.94 -16.18 -15.16
O3 GOL H . -21.60 -14.93 -15.71
#